data_2IA0
#
_entry.id   2IA0
#
_cell.length_a   58.074
_cell.length_b   70.372
_cell.length_c   96.536
_cell.angle_alpha   90.00
_cell.angle_beta   90.00
_cell.angle_gamma   90.00
#
_symmetry.space_group_name_H-M   'P 21 21 21'
#
loop_
_entity.id
_entity.type
_entity.pdbx_description
1 polymer 'Putative HTH-type transcriptional regulator PF0864'
2 non-polymer 'GOLD ION'
3 water water
#
_entity_poly.entity_id   1
_entity_poly.type   'polypeptide(L)'
_entity_poly.pdbx_seq_one_letter_code
;MAHHHHHHGSSEIHLDDLDRNILRLLKKDARLTISELSEQLKKPESTIHFRIKKLQERGVIERYTIILGEQLKPKHLALI
VLEVGKPVIEDFLERYISYISSTLSALPGVLFVAKSGEDKIIALVGKNNKDELVKFIEENITSIPNLKHIQIFPITEIKK
GEDLTGFLAEV
;
_entity_poly.pdbx_strand_id   A,B
#
loop_
_chem_comp.id
_chem_comp.type
_chem_comp.name
_chem_comp.formula
AU non-polymer 'GOLD ION' 'Au 1'
#
# COMPACT_ATOMS: atom_id res chain seq x y z
N HIS A 14 -5.54 -24.13 5.08
CA HIS A 14 -6.81 -23.91 5.85
C HIS A 14 -6.45 -23.26 7.17
N LEU A 15 -7.15 -22.18 7.55
CA LEU A 15 -6.78 -21.39 8.74
C LEU A 15 -7.78 -21.42 9.89
N ASP A 16 -7.29 -21.55 11.11
CA ASP A 16 -8.17 -21.53 12.27
C ASP A 16 -8.04 -20.21 13.03
N ASP A 17 -8.79 -20.05 14.12
CA ASP A 17 -8.75 -18.82 14.90
C ASP A 17 -7.37 -18.46 15.44
N LEU A 18 -6.60 -19.45 15.88
CA LEU A 18 -5.24 -19.22 16.38
C LEU A 18 -4.30 -18.72 15.29
N ASP A 19 -4.38 -19.30 14.09
CA ASP A 19 -3.65 -18.78 12.94
C ASP A 19 -3.92 -17.30 12.72
N ARG A 20 -5.21 -16.93 12.65
CA ARG A 20 -5.66 -15.56 12.41
C ARG A 20 -5.22 -14.62 13.51
N ASN A 21 -5.38 -15.07 14.75
CA ASN A 21 -4.98 -14.29 15.90
C ASN A 21 -3.50 -13.95 15.92
N ILE A 22 -2.63 -14.94 15.62
CA ILE A 22 -1.19 -14.72 15.43
C ILE A 22 -0.89 -13.69 14.34
N LEU A 23 -1.50 -13.85 13.17
CA LEU A 23 -1.31 -12.90 12.07
C LEU A 23 -1.70 -11.46 12.42
N ARG A 24 -2.81 -11.29 13.14
CA ARG A 24 -3.31 -9.97 13.56
C ARG A 24 -2.29 -9.24 14.40
N LEU A 25 -1.77 -9.93 15.42
CA LEU A 25 -0.73 -9.42 16.29
C LEU A 25 0.56 -9.09 15.57
N LEU A 26 0.96 -9.95 14.63
CA LEU A 26 2.18 -9.70 13.84
C LEU A 26 2.01 -8.52 12.88
N LYS A 27 0.81 -8.38 12.34
CA LYS A 27 0.43 -7.22 11.53
C LYS A 27 0.47 -5.99 12.40
N LYS A 28 0.08 -5.81 13.65
CA LYS A 28 0.16 -4.91 14.66
C LYS A 28 1.62 -4.52 14.97
N ASP A 29 2.41 -5.52 15.33
CA ASP A 29 3.80 -5.35 15.77
C ASP A 29 4.57 -6.64 15.55
N ALA A 30 5.29 -6.72 14.44
CA ALA A 30 6.03 -7.93 14.08
C ALA A 30 7.31 -8.17 14.91
N ARG A 31 7.62 -7.24 15.82
CA ARG A 31 8.72 -7.43 16.80
C ARG A 31 8.29 -8.40 17.90
N LEU A 32 7.00 -8.71 17.97
CA LEU A 32 6.49 -9.63 19.01
C LEU A 32 7.11 -11.01 18.85
N THR A 33 7.78 -11.46 19.92
CA THR A 33 8.44 -12.76 19.94
C THR A 33 7.45 -13.86 20.29
N ILE A 34 7.90 -15.11 20.20
CA ILE A 34 7.07 -16.27 20.44
C ILE A 34 6.56 -16.33 21.89
N SER A 35 7.42 -15.98 22.83
CA SER A 35 7.06 -16.09 24.23
C SER A 35 6.04 -15.04 24.61
N GLU A 36 6.17 -13.84 24.02
CA GLU A 36 5.17 -12.76 24.15
C GLU A 36 3.86 -13.11 23.48
N LEU A 37 3.93 -13.76 22.32
CA LEU A 37 2.71 -14.20 21.62
C LEU A 37 1.99 -15.31 22.38
N SER A 38 2.77 -16.16 23.03
CA SER A 38 2.21 -17.27 23.81
C SER A 38 1.52 -16.76 25.09
N GLU A 39 2.11 -15.77 25.73
CA GLU A 39 1.52 -15.08 26.86
C GLU A 39 0.24 -14.34 26.46
N GLN A 40 0.29 -13.59 25.36
CA GLN A 40 -0.89 -12.84 24.88
C GLN A 40 -2.03 -13.70 24.37
N LEU A 41 -1.70 -14.87 23.85
CA LEU A 41 -2.67 -15.76 23.21
C LEU A 41 -3.07 -16.92 24.11
N LYS A 42 -2.23 -17.23 25.10
CA LYS A 42 -2.47 -18.28 26.10
C LYS A 42 -2.41 -19.66 25.47
N LYS A 43 -1.30 -19.89 24.76
CA LYS A 43 -1.02 -21.10 24.00
C LYS A 43 0.43 -21.47 24.30
N PRO A 44 0.77 -22.78 24.31
CA PRO A 44 2.16 -23.10 24.59
C PRO A 44 3.09 -22.51 23.54
N GLU A 45 4.28 -22.09 23.97
CA GLU A 45 5.29 -21.52 23.11
C GLU A 45 5.60 -22.34 21.85
N SER A 46 5.73 -23.66 21.98
CA SER A 46 6.00 -24.56 20.87
C SER A 46 4.88 -24.64 19.82
N THR A 47 3.63 -24.44 20.23
CA THR A 47 2.55 -24.30 19.26
C THR A 47 2.64 -23.01 18.43
N ILE A 48 2.87 -21.88 19.10
CA ILE A 48 3.07 -20.60 18.41
C ILE A 48 4.19 -20.70 17.38
N HIS A 49 5.33 -21.21 17.84
CA HIS A 49 6.54 -21.42 17.05
C HIS A 49 6.28 -22.24 15.78
N PHE A 50 5.69 -23.42 15.96
CA PHE A 50 5.26 -24.28 14.86
C PHE A 50 4.29 -23.60 13.87
N ARG A 51 3.23 -22.99 14.39
CA ARG A 51 2.28 -22.20 13.58
C ARG A 51 2.99 -21.13 12.75
N ILE A 52 3.92 -20.39 13.34
CA ILE A 52 4.64 -19.35 12.60
C ILE A 52 5.54 -19.88 11.49
N LYS A 53 6.33 -20.94 11.79
CA LYS A 53 7.12 -21.63 10.77
C LYS A 53 6.23 -22.13 9.64
N LYS A 54 5.05 -22.64 9.98
CA LYS A 54 4.14 -23.21 8.99
C LYS A 54 3.55 -22.14 8.07
N LEU A 55 3.18 -21.00 8.63
CA LEU A 55 2.62 -19.87 7.84
C LEU A 55 3.69 -19.25 6.95
N GLN A 56 4.91 -19.19 7.47
CA GLN A 56 6.05 -18.77 6.68
C GLN A 56 6.33 -19.72 5.51
N GLU A 57 6.34 -21.04 5.75
CA GLU A 57 6.56 -22.04 4.68
C GLU A 57 5.50 -21.96 3.57
N ARG A 58 4.23 -21.87 3.94
CA ARG A 58 3.15 -21.78 2.95
C ARG A 58 3.02 -20.40 2.29
N GLY A 59 3.83 -19.44 2.71
CA GLY A 59 3.78 -18.07 2.19
C GLY A 59 2.58 -17.23 2.63
N VAL A 60 1.87 -17.69 3.67
CA VAL A 60 0.82 -16.89 4.28
C VAL A 60 1.45 -15.65 4.96
N ILE A 61 2.49 -15.86 5.76
CA ILE A 61 3.36 -14.74 6.10
C ILE A 61 4.32 -14.62 4.94
N GLU A 62 4.08 -13.65 4.06
CA GLU A 62 4.93 -13.49 2.89
C GLU A 62 6.27 -12.85 3.23
N ARG A 63 6.27 -11.88 4.14
CA ARG A 63 7.48 -11.07 4.32
C ARG A 63 7.31 -10.20 5.55
N TYR A 64 8.43 -9.89 6.22
CA TYR A 64 8.49 -8.95 7.31
C TYR A 64 9.08 -7.65 6.78
N THR A 65 8.47 -6.53 7.14
CA THR A 65 8.97 -5.25 6.67
C THR A 65 8.83 -4.12 7.72
N ILE A 66 9.35 -2.94 7.40
CA ILE A 66 9.15 -1.77 8.24
C ILE A 66 8.34 -0.69 7.51
N ILE A 67 7.75 0.19 8.30
CA ILE A 67 6.97 1.32 7.82
C ILE A 67 7.80 2.52 8.19
N LEU A 68 8.03 3.39 7.20
CA LEU A 68 8.89 4.57 7.42
C LEU A 68 8.14 5.74 8.08
N GLY A 69 8.85 6.57 8.82
CA GLY A 69 8.22 7.68 9.56
C GLY A 69 8.13 8.94 8.72
N GLU A 70 7.48 9.98 9.24
CA GLU A 70 7.16 11.13 8.38
C GLU A 70 8.34 11.89 7.76
N GLN A 71 9.55 11.73 8.31
CA GLN A 71 10.79 12.25 7.70
C GLN A 71 11.09 11.68 6.33
N LEU A 72 10.61 10.46 6.06
CA LEU A 72 10.93 9.84 4.77
C LEU A 72 9.70 9.60 3.92
N LYS A 73 8.51 9.85 4.48
CA LYS A 73 7.28 9.83 3.70
C LYS A 73 7.16 11.04 2.76
N PRO A 74 6.62 10.82 1.53
CA PRO A 74 6.23 11.98 0.70
C PRO A 74 5.08 12.79 1.34
N LYS A 75 5.16 14.11 1.31
CA LYS A 75 4.15 14.92 2.01
C LYS A 75 2.88 15.11 1.18
N HIS A 76 3.00 14.96 -0.14
CA HIS A 76 1.93 15.21 -1.08
C HIS A 76 1.87 14.07 -2.07
N LEU A 77 0.71 13.45 -2.10
CA LEU A 77 0.46 12.26 -2.88
C LEU A 77 -0.66 12.57 -3.89
N ALA A 78 -0.60 11.90 -5.04
CA ALA A 78 -1.64 12.02 -6.07
C ALA A 78 -1.84 10.69 -6.75
N LEU A 79 -3.09 10.38 -7.05
CA LEU A 79 -3.40 9.24 -7.87
C LEU A 79 -3.60 9.73 -9.32
N ILE A 80 -3.05 9.00 -10.28
CA ILE A 80 -3.09 9.40 -11.69
C ILE A 80 -3.76 8.31 -12.50
N VAL A 81 -4.73 8.67 -13.32
CA VAL A 81 -5.37 7.70 -14.21
C VAL A 81 -5.23 8.10 -15.67
N LEU A 82 -4.50 7.27 -16.41
CA LEU A 82 -4.22 7.47 -17.83
C LEU A 82 -5.06 6.51 -18.65
N GLU A 83 -5.64 6.99 -19.74
CA GLU A 83 -6.34 6.11 -20.66
C GLU A 83 -5.70 6.25 -22.03
N VAL A 84 -5.25 5.13 -22.60
CA VAL A 84 -4.63 5.14 -23.93
C VAL A 84 -5.69 5.18 -25.01
N GLY A 85 -5.45 6.00 -26.04
CA GLY A 85 -6.37 6.16 -27.18
C GLY A 85 -6.13 5.04 -28.17
N LYS A 86 -4.91 4.99 -28.70
CA LYS A 86 -4.46 3.89 -29.55
C LYS A 86 -2.94 3.77 -29.51
N PRO A 87 -2.43 2.78 -28.75
CA PRO A 87 -1.01 2.40 -28.68
C PRO A 87 -0.03 3.50 -29.15
N GLU A 90 -3.73 -3.64 -30.56
CA GLU A 90 -4.34 -4.59 -29.65
C GLU A 90 -3.26 -5.51 -29.08
N ASP A 91 -2.44 -6.05 -29.97
CA ASP A 91 -1.15 -6.57 -29.52
C ASP A 91 -0.18 -5.42 -29.23
N PHE A 92 -0.33 -4.35 -30.00
CA PHE A 92 0.35 -3.06 -29.80
C PHE A 92 -0.13 -2.26 -28.59
N LEU A 93 -1.41 -2.32 -28.25
CA LEU A 93 -1.90 -1.71 -27.01
C LEU A 93 -1.25 -2.35 -25.76
N GLU A 94 -1.28 -3.68 -25.68
CA GLU A 94 -0.64 -4.41 -24.59
C GLU A 94 0.82 -3.99 -24.43
N ARG A 95 1.56 -3.88 -25.54
CA ARG A 95 2.99 -3.56 -25.51
C ARG A 95 3.30 -2.10 -25.17
N TYR A 96 2.39 -1.21 -25.58
CA TYR A 96 2.50 0.22 -25.35
C TYR A 96 2.29 0.56 -23.87
N ILE A 97 1.26 -0.03 -23.28
CA ILE A 97 1.04 0.05 -21.84
C ILE A 97 2.21 -0.48 -21.02
N SER A 98 2.80 -1.62 -21.42
CA SER A 98 4.04 -2.14 -20.78
C SER A 98 5.16 -1.12 -20.79
N TYR A 99 5.36 -0.47 -21.93
CA TYR A 99 6.35 0.59 -22.09
C TYR A 99 6.11 1.77 -21.16
N ILE A 100 4.88 2.26 -21.09
CA ILE A 100 4.56 3.36 -20.20
C ILE A 100 4.66 2.92 -18.72
N SER A 101 4.15 1.73 -18.41
CA SER A 101 4.34 1.15 -17.08
C SER A 101 5.81 1.13 -16.59
N SER A 102 6.73 0.56 -17.41
CA SER A 102 8.18 0.48 -17.09
C SER A 102 8.91 1.81 -17.00
N THR A 103 8.52 2.74 -17.86
CA THR A 103 9.02 4.09 -17.81
C THR A 103 8.57 4.75 -16.51
N LEU A 104 7.31 4.62 -16.16
CA LEU A 104 6.83 5.24 -14.94
C LEU A 104 7.48 4.62 -13.71
N SER A 105 7.60 3.29 -13.68
CA SER A 105 8.14 2.57 -12.51
C SER A 105 9.56 3.00 -12.13
N ALA A 106 10.37 3.34 -13.14
CA ALA A 106 11.77 3.72 -12.95
C ALA A 106 11.93 5.13 -12.39
N LEU A 107 10.82 5.88 -12.31
CA LEU A 107 10.85 7.26 -11.88
C LEU A 107 10.81 7.41 -10.35
N PRO A 108 11.61 8.35 -9.82
CA PRO A 108 11.59 8.75 -8.40
C PRO A 108 10.22 9.27 -7.99
N GLY A 109 9.71 8.79 -6.87
CA GLY A 109 8.40 9.23 -6.41
C GLY A 109 7.24 8.34 -6.82
N VAL A 110 7.45 7.49 -7.80
CA VAL A 110 6.38 6.62 -8.29
C VAL A 110 6.24 5.38 -7.37
N LEU A 111 5.06 5.28 -6.74
CA LEU A 111 4.89 4.42 -5.56
C LEU A 111 4.58 2.96 -5.86
N PHE A 112 4.02 2.57 -7.00
CA PHE A 112 2.63 2.30 -7.39
C PHE A 112 2.20 2.54 -8.80
N VAL A 113 2.25 1.44 -9.57
CA VAL A 113 1.81 1.41 -10.98
C VAL A 113 0.97 0.15 -11.22
N ALA A 114 -0.20 0.34 -11.83
CA ALA A 114 -1.10 -0.78 -12.16
C ALA A 114 -1.82 -0.54 -13.46
N LYS A 115 -2.23 -1.64 -14.07
CA LYS A 115 -2.94 -1.60 -15.32
C LYS A 115 -4.41 -1.92 -15.02
N SER A 116 -5.32 -1.12 -15.57
CA SER A 116 -6.77 -1.36 -15.44
C SER A 116 -7.37 -1.59 -16.81
N GLY A 117 -7.97 -2.77 -16.97
CA GLY A 117 -8.53 -3.20 -18.24
C GLY A 117 -7.43 -3.31 -19.29
N GLU A 118 -7.81 -3.09 -20.54
CA GLU A 118 -6.85 -3.18 -21.62
C GLU A 118 -6.15 -1.87 -21.86
N ASP A 119 -6.72 -0.75 -21.36
CA ASP A 119 -6.33 0.59 -21.83
C ASP A 119 -5.88 1.66 -20.84
N LYS A 120 -5.96 1.36 -19.52
CA LYS A 120 -5.61 2.36 -18.46
C LYS A 120 -4.39 2.04 -17.58
N ILE A 121 -3.71 3.10 -17.13
CA ILE A 121 -2.61 2.96 -16.18
C ILE A 121 -2.95 3.81 -14.99
N ILE A 122 -2.80 3.19 -13.81
CA ILE A 122 -3.05 3.80 -12.52
C ILE A 122 -1.70 3.95 -11.84
N ALA A 123 -1.38 5.15 -11.38
CA ALA A 123 -0.13 5.40 -10.64
C ALA A 123 -0.34 6.20 -9.36
N LEU A 124 0.45 5.89 -8.34
CA LEU A 124 0.46 6.67 -7.14
C LEU A 124 1.80 7.38 -7.04
N VAL A 125 1.76 8.71 -6.96
CA VAL A 125 2.97 9.51 -6.94
C VAL A 125 3.09 10.37 -5.68
N GLY A 126 4.27 10.29 -5.06
CA GLY A 126 4.60 11.14 -3.93
C GLY A 126 5.72 12.15 -4.18
N LYS A 127 5.45 13.40 -3.85
CA LYS A 127 6.48 14.44 -3.86
C LYS A 127 6.36 15.23 -2.59
N ASN A 128 7.21 16.22 -2.44
CA ASN A 128 7.23 17.04 -1.24
C ASN A 128 6.45 18.36 -1.32
N ASN A 129 6.24 18.88 -2.54
CA ASN A 129 5.36 20.04 -2.78
C ASN A 129 4.29 19.76 -3.83
N LYS A 130 3.64 20.84 -4.30
CA LYS A 130 2.41 20.74 -5.11
C LYS A 130 2.39 20.47 -6.63
N ASP A 131 3.36 20.81 -7.48
CA ASP A 131 4.49 21.78 -7.46
C ASP A 131 5.72 21.02 -7.94
N GLU A 132 6.30 20.17 -7.09
CA GLU A 132 7.10 19.06 -7.62
C GLU A 132 6.18 18.08 -8.40
N LEU A 133 4.91 17.97 -7.99
CA LEU A 133 3.90 17.16 -8.69
C LEU A 133 3.47 17.76 -10.03
N VAL A 134 3.18 19.05 -10.05
CA VAL A 134 2.90 19.77 -11.29
C VAL A 134 4.06 19.58 -12.28
N LYS A 135 5.25 19.95 -11.84
CA LYS A 135 6.49 19.74 -12.55
C LYS A 135 6.68 18.27 -12.97
N PHE A 136 6.27 17.32 -12.12
CA PHE A 136 6.31 15.90 -12.47
C PHE A 136 5.34 15.55 -13.61
N ILE A 137 4.10 16.00 -13.50
CA ILE A 137 3.11 15.81 -14.56
C ILE A 137 3.48 16.49 -15.90
N GLU A 138 4.00 17.73 -15.85
CA GLU A 138 4.50 18.40 -17.08
C GLU A 138 5.47 17.48 -17.84
N GLU A 139 6.39 16.88 -17.07
CA GLU A 139 7.57 16.20 -17.61
C GLU A 139 7.38 14.74 -17.99
N ASN A 140 6.56 14.04 -17.23
CA ASN A 140 6.45 12.58 -17.36
C ASN A 140 5.06 12.06 -17.72
N ILE A 141 4.05 12.94 -17.73
CA ILE A 141 2.67 12.51 -18.02
C ILE A 141 2.05 13.18 -19.27
N THR A 142 2.10 14.50 -19.35
CA THR A 142 1.47 15.21 -20.47
C THR A 142 2.33 15.15 -21.73
N SER A 143 3.58 14.69 -21.54
CA SER A 143 4.50 14.32 -22.61
C SER A 143 4.24 12.92 -23.22
N ILE A 144 3.44 12.08 -22.56
CA ILE A 144 3.10 10.77 -23.12
C ILE A 144 2.13 10.92 -24.30
N PRO A 145 2.55 10.50 -25.52
CA PRO A 145 1.68 10.58 -26.71
C PRO A 145 0.55 9.55 -26.72
N ASN A 146 -0.53 9.88 -27.42
CA ASN A 146 -1.66 8.98 -27.65
C ASN A 146 -2.49 8.66 -26.41
N LEU A 147 -2.58 9.62 -25.50
CA LEU A 147 -3.44 9.48 -24.34
C LEU A 147 -4.79 10.15 -24.61
N LYS A 148 -5.86 9.40 -24.44
CA LYS A 148 -7.20 9.94 -24.58
C LYS A 148 -7.54 10.81 -23.36
N HIS A 149 -7.22 10.33 -22.17
CA HIS A 149 -7.59 11.02 -20.94
C HIS A 149 -6.51 10.95 -19.87
N ILE A 150 -6.38 12.02 -19.09
CA ILE A 150 -5.54 12.07 -17.92
C ILE A 150 -6.40 12.62 -16.77
N GLN A 151 -6.43 11.89 -15.65
CA GLN A 151 -7.05 12.40 -14.44
C GLN A 151 -6.07 12.40 -13.28
N ILE A 152 -6.10 13.50 -12.51
CA ILE A 152 -5.25 13.62 -11.33
C ILE A 152 -6.08 13.86 -10.09
N PHE A 153 -5.95 12.93 -9.13
CA PHE A 153 -6.67 12.99 -7.86
C PHE A 153 -5.64 13.11 -6.75
N PRO A 154 -5.44 14.35 -6.26
CA PRO A 154 -4.63 14.62 -5.06
C PRO A 154 -5.22 13.90 -3.82
N ILE A 155 -4.37 13.29 -3.01
CA ILE A 155 -4.85 12.67 -1.77
C ILE A 155 -4.81 13.74 -0.69
N THR A 156 -5.98 14.19 -0.27
CA THR A 156 -6.08 15.25 0.71
C THR A 156 -5.89 14.67 2.12
N GLU A 157 -6.56 13.57 2.40
CA GLU A 157 -6.56 12.96 3.71
C GLU A 157 -6.79 11.46 3.57
N ILE A 158 -5.91 10.64 4.12
CA ILE A 158 -6.18 9.20 4.14
C ILE A 158 -7.01 8.80 5.37
N LYS A 159 -8.14 8.16 5.15
CA LYS A 159 -9.03 7.79 6.25
C LYS A 159 -8.81 6.35 6.75
N LYS A 160 -8.61 5.40 5.84
CA LYS A 160 -8.23 4.01 6.12
C LYS A 160 -7.00 3.71 5.26
N GLY A 161 -6.01 3.01 5.84
CA GLY A 161 -4.75 2.70 5.19
C GLY A 161 -3.67 3.80 5.22
N GLU A 162 -3.64 4.66 6.24
CA GLU A 162 -2.64 5.75 6.27
C GLU A 162 -1.16 5.30 6.23
N ASP A 163 -0.86 4.13 6.79
CA ASP A 163 0.49 3.62 6.74
C ASP A 163 0.98 3.09 5.38
N LEU A 164 0.10 3.07 4.37
CA LEU A 164 0.48 2.78 2.94
C LEU A 164 1.69 3.57 2.46
N THR A 165 1.72 4.87 2.76
CA THR A 165 2.79 5.73 2.24
C THR A 165 4.13 5.57 2.98
N GLY A 166 4.08 5.22 4.26
CA GLY A 166 5.25 4.73 4.98
C GLY A 166 5.73 3.36 4.50
N PHE A 167 4.80 2.50 4.12
CA PHE A 167 5.18 1.23 3.51
C PHE A 167 5.87 1.36 2.11
N LEU A 168 5.29 2.18 1.22
CA LEU A 168 5.75 2.31 -0.16
C LEU A 168 6.89 3.31 -0.32
N ALA A 169 7.08 4.18 0.67
CA ALA A 169 8.13 5.20 0.65
C ALA A 169 9.46 4.57 0.30
N GLU A 170 10.14 5.13 -0.69
CA GLU A 170 11.42 4.60 -1.06
C GLU A 170 12.53 5.40 -0.39
N VAL A 171 13.63 4.70 -0.09
CA VAL A 171 14.79 5.28 0.55
C VAL A 171 16.07 4.90 -0.22
N HIS B 14 21.14 15.13 8.21
CA HIS B 14 20.40 14.25 9.16
C HIS B 14 20.73 12.77 8.88
N LEU B 15 20.14 12.18 7.84
CA LEU B 15 20.47 10.80 7.46
C LEU B 15 21.63 10.75 6.46
N ASP B 16 22.62 9.91 6.74
CA ASP B 16 23.69 9.63 5.80
C ASP B 16 23.44 8.29 5.11
N ASP B 17 24.41 7.81 4.35
CA ASP B 17 24.25 6.62 3.56
C ASP B 17 24.19 5.34 4.35
N LEU B 18 24.74 5.34 5.56
CA LEU B 18 24.65 4.18 6.44
C LEU B 18 23.22 3.97 6.91
N ASP B 19 22.59 5.04 7.39
CA ASP B 19 21.18 5.00 7.79
C ASP B 19 20.29 4.49 6.66
N ARG B 20 20.51 5.00 5.45
CA ARG B 20 19.70 4.61 4.28
C ARG B 20 19.91 3.15 3.91
N ASN B 21 21.15 2.67 4.03
CA ASN B 21 21.43 1.28 3.72
C ASN B 21 20.78 0.34 4.73
N ILE B 22 20.82 0.72 6.01
CA ILE B 22 20.11 0.01 7.08
C ILE B 22 18.60 -0.07 6.79
N LEU B 23 17.97 1.08 6.57
CA LEU B 23 16.54 1.15 6.20
C LEU B 23 16.14 0.31 4.98
N ARG B 24 16.99 0.24 3.96
CA ARG B 24 16.74 -0.59 2.74
C ARG B 24 16.75 -2.07 3.04
N LEU B 25 17.70 -2.50 3.87
CA LEU B 25 17.75 -3.91 4.26
C LEU B 25 16.55 -4.28 5.11
N LEU B 26 16.18 -3.43 6.07
CA LEU B 26 15.05 -3.68 6.96
C LEU B 26 13.68 -3.61 6.25
N LYS B 27 13.60 -2.88 5.15
CA LYS B 27 12.40 -2.86 4.29
C LYS B 27 12.17 -4.17 3.53
N LYS B 28 13.25 -4.82 3.12
CA LYS B 28 13.24 -6.12 2.45
C LYS B 28 13.00 -7.25 3.45
N ASP B 29 13.72 -7.23 4.59
CA ASP B 29 13.58 -8.23 5.64
C ASP B 29 13.83 -7.62 7.03
N ALA B 30 12.74 -7.28 7.73
CA ALA B 30 12.81 -6.65 9.03
C ALA B 30 13.22 -7.62 10.18
N ARG B 31 13.43 -8.89 9.85
CA ARG B 31 14.01 -9.86 10.80
C ARG B 31 15.54 -9.76 10.94
N LEU B 32 16.19 -9.09 10.01
CA LEU B 32 17.64 -9.00 10.03
C LEU B 32 18.16 -8.41 11.34
N THR B 33 18.97 -9.20 12.04
CA THR B 33 19.54 -8.82 13.32
C THR B 33 20.75 -7.90 13.14
N ILE B 34 21.24 -7.33 14.23
CA ILE B 34 22.47 -6.50 14.26
C ILE B 34 23.76 -7.15 13.68
N SER B 35 24.05 -8.42 14.03
CA SER B 35 25.21 -9.11 13.45
C SER B 35 25.09 -9.35 11.93
N GLU B 36 23.88 -9.69 11.49
CA GLU B 36 23.55 -9.83 10.07
C GLU B 36 23.78 -8.53 9.26
N LEU B 37 23.30 -7.41 9.76
CA LEU B 37 23.44 -6.14 9.04
C LEU B 37 24.90 -5.69 9.05
N SER B 38 25.59 -5.92 10.18
CA SER B 38 27.02 -5.70 10.27
C SER B 38 27.83 -6.50 9.21
N GLU B 39 27.50 -7.79 9.07
CA GLU B 39 28.16 -8.60 8.06
C GLU B 39 27.76 -8.22 6.63
N GLN B 40 26.50 -7.83 6.40
CA GLN B 40 26.06 -7.41 5.08
C GLN B 40 26.53 -5.99 4.72
N LEU B 41 26.66 -5.12 5.72
CA LEU B 41 27.01 -3.72 5.42
C LEU B 41 28.48 -3.37 5.73
N LYS B 42 29.24 -4.37 6.19
CA LYS B 42 30.67 -4.22 6.57
C LYS B 42 30.91 -3.06 7.58
N LYS B 43 30.04 -2.97 8.59
CA LYS B 43 30.20 -1.97 9.64
C LYS B 43 30.24 -2.71 10.96
N PRO B 44 30.91 -2.12 11.98
CA PRO B 44 30.92 -2.76 13.30
C PRO B 44 29.50 -2.94 13.85
N GLU B 45 29.29 -3.96 14.67
CA GLU B 45 27.99 -4.18 15.28
C GLU B 45 27.52 -3.04 16.18
N SER B 46 28.46 -2.44 16.91
CA SER B 46 28.13 -1.30 17.76
C SER B 46 27.51 -0.16 16.92
N THR B 47 28.23 0.28 15.90
CA THR B 47 27.80 1.34 15.00
C THR B 47 26.34 1.14 14.55
N ILE B 48 26.07 -0.03 13.98
CA ILE B 48 24.74 -0.40 13.49
C ILE B 48 23.66 -0.39 14.57
N HIS B 49 23.96 -1.01 15.71
CA HIS B 49 23.14 -1.00 16.92
C HIS B 49 22.73 0.44 17.29
N PHE B 50 23.71 1.35 17.37
CA PHE B 50 23.46 2.76 17.68
C PHE B 50 22.68 3.52 16.60
N ARG B 51 22.91 3.19 15.34
CA ARG B 51 22.10 3.78 14.27
C ARG B 51 20.65 3.33 14.32
N ILE B 52 20.43 2.04 14.49
CA ILE B 52 19.08 1.46 14.52
C ILE B 52 18.34 2.06 15.69
N LYS B 53 18.98 2.03 16.86
CA LYS B 53 18.41 2.65 18.05
C LYS B 53 18.08 4.13 17.86
N LYS B 54 18.73 5.07 17.27
CA LYS B 54 18.41 6.29 16.80
C LYS B 54 17.29 6.52 15.77
N LEU B 55 17.20 5.61 14.78
CA LEU B 55 16.10 5.58 13.82
C LEU B 55 14.77 5.23 14.49
N GLN B 56 14.85 4.40 15.51
CA GLN B 56 13.66 3.99 16.25
C GLN B 56 13.23 5.08 17.25
N GLU B 57 14.18 5.69 17.96
CA GLU B 57 13.80 6.73 18.92
C GLU B 57 13.28 8.01 18.25
N ARG B 58 13.86 8.35 17.10
CA ARG B 58 13.40 9.52 16.32
C ARG B 58 12.24 9.22 15.35
N GLY B 59 11.71 8.01 15.38
CA GLY B 59 10.51 7.67 14.62
C GLY B 59 10.65 7.45 13.12
N VAL B 60 11.90 7.33 12.65
CA VAL B 60 12.19 7.11 11.24
C VAL B 60 11.72 5.68 10.85
N ILE B 61 12.03 4.70 11.69
CA ILE B 61 11.34 3.40 11.69
C ILE B 61 10.12 3.55 12.61
N GLU B 62 8.94 3.57 12.02
CA GLU B 62 7.75 3.86 12.79
C GLU B 62 7.22 2.57 13.38
N ARG B 63 7.32 1.49 12.61
CA ARG B 63 6.60 0.26 12.89
C ARG B 63 7.17 -0.90 12.09
N TYR B 64 7.20 -2.08 12.73
CA TYR B 64 7.48 -3.38 12.09
C TYR B 64 6.17 -4.13 11.85
N THR B 65 5.99 -4.63 10.64
CA THR B 65 4.77 -5.35 10.30
C THR B 65 5.10 -6.53 9.36
N ILE B 66 4.06 -7.23 8.89
CA ILE B 66 4.23 -8.34 7.95
C ILE B 66 3.42 -8.10 6.67
N ILE B 67 3.88 -8.69 5.57
CA ILE B 67 3.09 -8.76 4.35
C ILE B 67 2.44 -10.14 4.29
N LEU B 68 1.12 -10.16 4.11
CA LEU B 68 0.34 -11.38 3.88
C LEU B 68 0.39 -11.85 2.41
N GLY B 69 0.33 -13.15 2.17
CA GLY B 69 0.43 -13.64 0.80
C GLY B 69 -0.77 -14.47 0.40
N GLU B 70 -0.57 -15.32 -0.59
CA GLU B 70 -1.37 -16.54 -0.67
C GLU B 70 -2.88 -16.31 -0.61
N GLN B 71 -3.54 -17.07 0.27
CA GLN B 71 -4.99 -17.13 0.34
C GLN B 71 -5.61 -15.96 1.09
N LEU B 72 -4.80 -14.98 1.47
CA LEU B 72 -5.32 -13.81 2.20
C LEU B 72 -5.24 -12.47 1.47
N LYS B 73 -4.64 -12.43 0.28
CA LYS B 73 -4.76 -11.29 -0.63
C LYS B 73 -6.04 -11.50 -1.44
N PRO B 74 -6.94 -10.49 -1.49
CA PRO B 74 -8.11 -10.65 -2.34
C PRO B 74 -7.73 -10.83 -3.82
N LYS B 75 -8.47 -11.71 -4.49
CA LYS B 75 -8.20 -12.09 -5.89
C LYS B 75 -8.61 -10.96 -6.84
N HIS B 76 -9.70 -10.27 -6.51
CA HIS B 76 -10.19 -9.22 -7.38
C HIS B 76 -10.24 -7.88 -6.66
N LEU B 77 -9.57 -6.92 -7.27
CA LEU B 77 -9.44 -5.59 -6.74
C LEU B 77 -10.03 -4.61 -7.72
N ALA B 78 -10.71 -3.61 -7.18
CA ALA B 78 -11.09 -2.44 -7.97
C ALA B 78 -10.72 -1.15 -7.24
N LEU B 79 -10.22 -0.18 -7.98
CA LEU B 79 -10.12 1.16 -7.46
C LEU B 79 -11.34 2.00 -7.88
N ILE B 80 -11.91 2.71 -6.92
CA ILE B 80 -13.16 3.45 -7.09
C ILE B 80 -12.94 4.90 -6.71
N VAL B 81 -13.37 5.77 -7.60
CA VAL B 81 -13.34 7.18 -7.37
C VAL B 81 -14.78 7.66 -7.46
N LEU B 82 -15.19 8.34 -6.42
CA LEU B 82 -16.59 8.71 -6.24
C LEU B 82 -16.65 10.22 -6.03
N GLU B 83 -17.59 10.89 -6.69
CA GLU B 83 -17.76 12.35 -6.49
C GLU B 83 -19.18 12.66 -5.97
N VAL B 84 -19.24 13.29 -4.79
CA VAL B 84 -20.54 13.68 -4.24
C VAL B 84 -20.96 15.04 -4.79
N GLY B 85 -22.27 15.23 -4.91
CA GLY B 85 -22.87 16.47 -5.40
C GLY B 85 -22.99 17.51 -4.31
N ASP B 91 -20.35 22.76 3.03
CA ASP B 91 -20.25 22.78 4.51
C ASP B 91 -20.91 21.56 5.18
N PHE B 92 -22.14 21.27 4.76
CA PHE B 92 -22.71 19.94 4.92
C PHE B 92 -21.80 18.94 4.19
N LEU B 93 -21.01 19.45 3.24
CA LEU B 93 -20.11 18.65 2.40
C LEU B 93 -18.94 18.01 3.16
N GLU B 94 -18.19 18.78 3.95
CA GLU B 94 -17.10 18.22 4.79
C GLU B 94 -17.64 17.01 5.53
N ARG B 95 -18.84 17.18 6.07
CA ARG B 95 -19.53 16.23 6.94
C ARG B 95 -20.07 14.99 6.26
N TYR B 96 -20.58 15.16 5.04
CA TYR B 96 -21.11 14.05 4.27
C TYR B 96 -19.96 13.13 3.79
N ILE B 97 -18.89 13.73 3.27
CA ILE B 97 -17.69 12.95 2.96
C ILE B 97 -17.12 12.23 4.17
N SER B 98 -17.07 12.90 5.33
CA SER B 98 -16.73 12.22 6.60
C SER B 98 -17.63 11.00 6.94
N TYR B 99 -18.93 11.15 6.74
CA TYR B 99 -19.87 10.07 6.94
C TYR B 99 -19.68 8.90 5.95
N ILE B 100 -19.59 9.18 4.65
CA ILE B 100 -19.41 8.14 3.63
C ILE B 100 -18.12 7.41 3.85
N SER B 101 -17.07 8.15 4.16
CA SER B 101 -15.79 7.53 4.29
C SER B 101 -15.66 6.69 5.58
N SER B 102 -16.32 7.06 6.69
CA SER B 102 -16.30 6.16 7.87
C SER B 102 -17.15 4.94 7.68
N THR B 103 -18.19 5.08 6.88
CA THR B 103 -19.08 3.97 6.54
C THR B 103 -18.36 2.93 5.67
N LEU B 104 -17.63 3.40 4.67
CA LEU B 104 -16.76 2.57 3.84
C LEU B 104 -15.59 1.96 4.61
N SER B 105 -15.00 2.72 5.51
CA SER B 105 -13.91 2.20 6.34
C SER B 105 -14.28 1.01 7.26
N ALA B 106 -15.53 0.97 7.71
CA ALA B 106 -16.04 -0.09 8.57
C ALA B 106 -16.37 -1.40 7.85
N LEU B 107 -16.34 -1.39 6.51
CA LEU B 107 -16.80 -2.54 5.70
C LEU B 107 -15.69 -3.53 5.35
N PRO B 108 -15.98 -4.84 5.40
CA PRO B 108 -14.97 -5.83 5.00
C PRO B 108 -14.59 -5.74 3.52
N GLY B 109 -13.31 -5.86 3.22
CA GLY B 109 -12.81 -5.88 1.85
C GLY B 109 -12.64 -4.48 1.30
N VAL B 110 -12.74 -3.48 2.17
CA VAL B 110 -12.36 -2.11 1.85
C VAL B 110 -10.98 -1.89 2.45
N LEU B 111 -9.97 -1.72 1.60
CA LEU B 111 -8.58 -1.78 2.04
C LEU B 111 -7.98 -0.42 2.26
N PHE B 112 -8.50 0.56 1.54
CA PHE B 112 -7.94 1.89 1.49
C PHE B 112 -9.08 2.87 1.23
N VAL B 113 -9.15 3.93 2.04
CA VAL B 113 -10.11 5.05 1.86
C VAL B 113 -9.38 6.39 2.04
N ALA B 114 -9.60 7.30 1.10
CA ALA B 114 -8.95 8.59 1.07
C ALA B 114 -9.91 9.66 0.57
N LYS B 115 -9.75 10.88 1.09
CA LYS B 115 -10.44 12.03 0.53
C LYS B 115 -9.59 12.67 -0.58
N SER B 116 -10.22 13.27 -1.57
CA SER B 116 -9.51 13.95 -2.64
C SER B 116 -10.23 15.24 -2.95
N GLY B 117 -9.54 16.35 -2.71
CA GLY B 117 -10.15 17.66 -2.85
C GLY B 117 -11.27 17.79 -1.83
N GLU B 118 -12.39 18.35 -2.28
CA GLU B 118 -13.47 18.84 -1.40
C GLU B 118 -14.58 17.92 -0.84
N ASP B 119 -15.12 16.87 -1.48
CA ASP B 119 -15.44 16.61 -2.90
C ASP B 119 -15.49 15.12 -3.27
N LYS B 120 -14.38 14.42 -3.10
CA LYS B 120 -14.19 13.08 -3.65
C LYS B 120 -13.66 12.05 -2.65
N ILE B 121 -14.06 10.80 -2.87
CA ILE B 121 -13.52 9.67 -2.13
C ILE B 121 -12.88 8.66 -3.08
N ILE B 122 -11.67 8.23 -2.72
CA ILE B 122 -10.96 7.12 -3.35
C ILE B 122 -11.00 5.91 -2.40
N ALA B 123 -11.42 4.76 -2.93
CA ALA B 123 -11.44 3.52 -2.20
C ALA B 123 -10.82 2.43 -3.06
N LEU B 124 -10.09 1.55 -2.39
CA LEU B 124 -9.63 0.31 -2.97
C LEU B 124 -10.41 -0.80 -2.30
N VAL B 125 -11.09 -1.61 -3.11
CA VAL B 125 -11.94 -2.67 -2.58
C VAL B 125 -11.52 -3.99 -3.20
N GLY B 126 -11.65 -5.06 -2.42
CA GLY B 126 -11.18 -6.38 -2.84
C GLY B 126 -12.08 -7.48 -2.35
N LYS B 127 -12.44 -8.38 -3.25
CA LYS B 127 -13.21 -9.56 -2.89
C LYS B 127 -12.58 -10.76 -3.58
N ASN B 128 -13.05 -11.95 -3.24
CA ASN B 128 -12.48 -13.19 -3.77
C ASN B 128 -13.23 -13.74 -4.99
N ASN B 129 -14.36 -13.10 -5.31
CA ASN B 129 -15.24 -13.49 -6.44
C ASN B 129 -15.68 -12.19 -7.14
N LYS B 130 -15.59 -12.13 -8.47
CA LYS B 130 -15.81 -10.85 -9.17
C LYS B 130 -17.25 -10.38 -9.12
N ASP B 131 -18.18 -11.33 -9.05
CA ASP B 131 -19.59 -11.02 -8.93
C ASP B 131 -19.93 -10.58 -7.51
N GLU B 132 -19.20 -11.11 -6.53
CA GLU B 132 -19.22 -10.64 -5.15
C GLU B 132 -18.76 -9.14 -5.05
N LEU B 133 -17.73 -8.78 -5.83
CA LEU B 133 -17.24 -7.39 -5.98
C LEU B 133 -18.21 -6.47 -6.71
N VAL B 134 -18.89 -7.00 -7.74
CA VAL B 134 -19.94 -6.25 -8.41
C VAL B 134 -21.08 -6.00 -7.41
N LYS B 135 -21.63 -7.09 -6.84
CA LYS B 135 -22.73 -7.00 -5.87
C LYS B 135 -22.44 -6.00 -4.73
N PHE B 136 -21.18 -6.00 -4.26
CA PHE B 136 -20.70 -5.17 -3.15
C PHE B 136 -20.65 -3.69 -3.51
N ILE B 137 -20.16 -3.40 -4.73
CA ILE B 137 -20.12 -2.03 -5.26
C ILE B 137 -21.49 -1.33 -5.11
N GLU B 138 -22.61 -2.02 -5.18
CA GLU B 138 -23.63 -1.86 -6.19
C GLU B 138 -24.64 -1.68 -5.03
N GLU B 139 -24.41 -2.44 -3.96
CA GLU B 139 -25.17 -2.32 -2.72
C GLU B 139 -24.62 -1.32 -1.70
N ASN B 140 -23.31 -1.05 -1.73
CA ASN B 140 -22.65 -0.19 -0.72
C ASN B 140 -22.11 1.14 -1.22
N ILE B 141 -21.97 1.28 -2.53
CA ILE B 141 -21.32 2.44 -3.09
C ILE B 141 -22.23 3.14 -4.09
N THR B 142 -22.69 2.44 -5.12
CA THR B 142 -23.53 3.13 -6.10
C THR B 142 -24.87 3.57 -5.48
N SER B 143 -25.04 3.17 -4.23
CA SER B 143 -26.29 3.30 -3.49
C SER B 143 -26.29 4.55 -2.62
N ILE B 144 -25.11 5.14 -2.43
CA ILE B 144 -24.95 6.38 -1.70
C ILE B 144 -25.74 7.50 -2.41
N PRO B 145 -26.66 8.16 -1.67
CA PRO B 145 -27.41 9.31 -2.18
C PRO B 145 -26.50 10.51 -2.46
N ASN B 146 -26.76 11.21 -3.57
CA ASN B 146 -26.14 12.51 -3.89
C ASN B 146 -24.64 12.63 -4.21
N LEU B 147 -23.87 11.64 -4.61
CA LEU B 147 -23.81 10.89 -5.86
C LEU B 147 -23.96 11.42 -7.28
N LYS B 148 -22.92 12.15 -7.70
CA LYS B 148 -22.83 12.76 -9.00
C LYS B 148 -22.09 11.86 -9.98
N HIS B 149 -20.94 11.32 -9.57
CA HIS B 149 -20.12 10.48 -10.45
C HIS B 149 -19.46 9.36 -9.65
N ILE B 150 -19.29 8.22 -10.31
CA ILE B 150 -18.44 7.14 -9.83
C ILE B 150 -17.67 6.48 -11.01
N GLN B 151 -16.36 6.31 -10.83
CA GLN B 151 -15.52 5.58 -11.76
C GLN B 151 -14.99 4.35 -11.06
N ILE B 152 -15.08 3.22 -11.73
CA ILE B 152 -14.56 1.97 -11.22
C ILE B 152 -13.46 1.50 -12.14
N PHE B 153 -12.32 1.19 -11.52
CA PHE B 153 -11.12 0.74 -12.23
C PHE B 153 -10.69 -0.60 -11.68
N PRO B 154 -11.21 -1.68 -12.28
CA PRO B 154 -10.76 -3.03 -11.90
C PRO B 154 -9.25 -3.16 -12.19
N ILE B 155 -8.50 -3.75 -11.27
CA ILE B 155 -7.05 -3.80 -11.42
C ILE B 155 -6.64 -5.13 -12.04
N THR B 156 -6.14 -5.07 -13.27
CA THR B 156 -5.88 -6.29 -14.01
C THR B 156 -4.49 -6.88 -13.73
N GLU B 157 -3.47 -6.01 -13.63
CA GLU B 157 -2.18 -6.39 -13.03
C GLU B 157 -1.48 -5.23 -12.32
N ILE B 158 -0.63 -5.54 -11.35
CA ILE B 158 0.18 -4.53 -10.69
C ILE B 158 1.61 -4.67 -11.17
N LYS B 159 2.17 -3.58 -11.68
CA LYS B 159 3.51 -3.57 -12.25
C LYS B 159 4.56 -3.19 -11.19
N LYS B 160 4.20 -2.28 -10.28
CA LYS B 160 5.06 -1.80 -9.19
C LYS B 160 4.17 -1.69 -7.96
N GLY B 161 4.69 -2.09 -6.79
CA GLY B 161 3.94 -2.07 -5.53
C GLY B 161 3.00 -3.24 -5.32
N GLU B 162 3.32 -4.39 -5.92
CA GLU B 162 2.49 -5.61 -5.80
C GLU B 162 2.16 -5.97 -4.36
N ASP B 163 3.13 -5.74 -3.46
CA ASP B 163 3.00 -6.04 -2.01
C ASP B 163 1.97 -5.23 -1.25
N LEU B 164 1.50 -4.16 -1.86
CA LEU B 164 0.49 -3.27 -1.27
C LEU B 164 -0.74 -4.03 -0.82
N THR B 165 -1.24 -4.93 -1.65
CA THR B 165 -2.42 -5.74 -1.29
C THR B 165 -2.20 -6.57 -0.01
N GLY B 166 -1.11 -7.35 0.01
CA GLY B 166 -0.71 -8.14 1.18
C GLY B 166 -0.49 -7.29 2.40
N PHE B 167 -0.05 -6.05 2.19
CA PHE B 167 0.12 -5.12 3.29
C PHE B 167 -1.21 -4.62 3.84
N LEU B 168 -2.12 -4.22 2.95
CA LEU B 168 -3.39 -3.63 3.38
C LEU B 168 -4.41 -4.67 3.77
N ALA B 169 -4.20 -5.90 3.32
CA ALA B 169 -5.18 -6.95 3.52
C ALA B 169 -5.36 -7.26 5.01
N GLU B 170 -6.62 -7.46 5.43
CA GLU B 170 -6.88 -7.72 6.85
C GLU B 170 -7.20 -9.20 7.23
N VAL B 171 -7.05 -9.47 8.53
CA VAL B 171 -7.43 -10.71 9.25
C VAL B 171 -6.35 -11.80 9.17
AU AU C . -0.66 19.56 -13.53
AU AU D . -16.08 -4.42 -10.77
#